data_4D6Y
#
_entry.id   4D6Y
#
_cell.length_a   30.395
_cell.length_b   39.343
_cell.length_c   52.961
_cell.angle_alpha   97.30
_cell.angle_beta   96.97
_cell.angle_gamma   89.97
#
_symmetry.space_group_name_H-M   'P 1'
#
loop_
_entity.id
_entity.type
_entity.pdbx_description
1 polymer 'BACTERIAL REGULATORY, FIS FAMILY PROTEIN'
2 non-polymer 'BERYLLIUM TRIFLUORIDE ION'
3 non-polymer 'MAGNESIUM ION'
4 water water
#
_entity_poly.entity_id   1
_entity_poly.type   'polypeptide(L)'
_entity_poly.pdbx_seq_one_letter_code
;MASMTGGQQMGRGSMAADILVVDDEVDIRDLVAGILSDEGHETRTAFDADSALAAINDRAPRLVFLDIWLQGSRLDGLAL
LDEIKKQHPELPVVMISGHGNIETAVSAIRRGAYDFIEKPFKADRLILVAERALETSKLKLEHHHHHH
;
_entity_poly.pdbx_strand_id   A,B
#
# COMPACT_ATOMS: atom_id res chain seq x y z
N ASP A 18 -9.10 22.59 -2.01
CA ASP A 18 -9.04 22.74 -0.55
C ASP A 18 -8.26 21.57 0.02
N ILE A 19 -7.12 21.88 0.62
CA ILE A 19 -6.21 20.90 1.20
C ILE A 19 -5.98 21.23 2.69
N LEU A 20 -6.04 20.19 3.54
CA LEU A 20 -5.73 20.23 4.96
C LEU A 20 -4.38 19.53 5.17
N VAL A 21 -3.40 20.23 5.73
CA VAL A 21 -2.08 19.67 5.99
C VAL A 21 -1.96 19.47 7.47
N VAL A 22 -1.66 18.23 7.90
CA VAL A 22 -1.56 17.86 9.31
C VAL A 22 -0.16 17.40 9.63
N ASP A 23 0.58 18.19 10.41
CA ASP A 23 1.94 17.83 10.82
C ASP A 23 2.21 18.52 12.12
N ASP A 24 2.91 17.85 13.04
CA ASP A 24 3.21 18.45 14.36
C ASP A 24 4.35 19.48 14.27
N GLU A 25 5.05 19.54 13.13
CA GLU A 25 6.16 20.49 12.96
C GLU A 25 5.72 21.68 12.12
N VAL A 26 5.79 22.91 12.68
CA VAL A 26 5.40 24.15 11.96
C VAL A 26 6.16 24.29 10.65
N ASP A 27 7.48 23.99 10.62
CA ASP A 27 8.29 24.14 9.43
C ASP A 27 7.79 23.26 8.29
N ILE A 28 7.25 22.07 8.60
CA ILE A 28 6.72 21.16 7.60
C ILE A 28 5.33 21.65 7.16
N ARG A 29 4.46 22.04 8.13
CA ARG A 29 3.11 22.58 7.83
C ARG A 29 3.23 23.75 6.84
N ASP A 30 4.16 24.69 7.12
CA ASP A 30 4.46 25.88 6.32
C ASP A 30 5.06 25.53 4.96
N LEU A 31 6.02 24.58 4.91
CA LEU A 31 6.66 24.15 3.68
C LEU A 31 5.63 23.50 2.76
N VAL A 32 4.79 22.58 3.29
CA VAL A 32 3.78 21.90 2.47
C VAL A 32 2.66 22.89 2.03
N ALA A 33 2.06 23.69 2.98
CA ALA A 33 0.99 24.64 2.63
C ALA A 33 1.47 25.69 1.65
N GLY A 34 2.72 26.13 1.82
CA GLY A 34 3.35 27.13 0.96
C GLY A 34 3.50 26.68 -0.47
N ILE A 35 4.06 25.46 -0.69
CA ILE A 35 4.28 24.88 -2.02
C ILE A 35 2.91 24.73 -2.73
N LEU A 36 1.92 24.21 -2.01
CA LEU A 36 0.58 23.96 -2.58
C LEU A 36 -0.17 25.26 -2.87
N SER A 37 -0.06 26.28 -1.95
CA SER A 37 -0.70 27.59 -2.14
C SER A 37 -0.17 28.30 -3.38
N ASP A 38 1.15 28.17 -3.65
CA ASP A 38 1.82 28.79 -4.79
C ASP A 38 1.32 28.20 -6.12
N GLU A 39 0.77 26.96 -6.08
CA GLU A 39 0.22 26.28 -7.25
C GLU A 39 -1.28 26.58 -7.43
N GLY A 40 -1.85 27.37 -6.51
CA GLY A 40 -3.23 27.78 -6.57
C GLY A 40 -4.22 26.94 -5.80
N HIS A 41 -3.75 26.19 -4.78
CA HIS A 41 -4.62 25.38 -3.94
C HIS A 41 -4.82 26.08 -2.60
N GLU A 42 -6.07 26.20 -2.13
CA GLU A 42 -6.41 26.81 -0.84
C GLU A 42 -6.03 25.81 0.26
N THR A 43 -5.03 26.14 1.09
CA THR A 43 -4.53 25.20 2.09
C THR A 43 -4.69 25.72 3.52
N ARG A 44 -5.11 24.82 4.42
CA ARG A 44 -5.30 25.01 5.86
C ARG A 44 -4.38 24.07 6.58
N THR A 45 -4.00 24.39 7.82
CA THR A 45 -3.12 23.49 8.56
C THR A 45 -3.72 23.09 9.91
N ALA A 46 -3.27 21.93 10.40
CA ALA A 46 -3.61 21.37 11.70
C ALA A 46 -2.33 20.74 12.27
N PHE A 47 -2.24 20.66 13.59
CA PHE A 47 -1.00 20.20 14.24
C PHE A 47 -1.17 18.86 14.98
N ASP A 48 -2.41 18.34 15.10
CA ASP A 48 -2.63 17.08 15.81
C ASP A 48 -3.97 16.48 15.40
N ALA A 49 -4.33 15.31 15.97
CA ALA A 49 -5.56 14.63 15.58
C ALA A 49 -6.81 15.44 15.91
N ASP A 50 -6.89 16.07 17.10
CA ASP A 50 -8.11 16.79 17.44
C ASP A 50 -8.25 18.09 16.65
N SER A 51 -7.14 18.80 16.33
CA SER A 51 -7.23 20.01 15.49
C SER A 51 -7.58 19.64 14.05
N ALA A 52 -7.09 18.47 13.56
CA ALA A 52 -7.42 17.95 12.22
C ALA A 52 -8.90 17.58 12.12
N LEU A 53 -9.39 16.79 13.09
CA LEU A 53 -10.80 16.35 13.13
C LEU A 53 -11.74 17.54 13.28
N ALA A 54 -11.36 18.54 14.09
CA ALA A 54 -12.17 19.76 14.23
C ALA A 54 -12.27 20.51 12.89
N ALA A 55 -11.14 20.62 12.16
CA ALA A 55 -11.06 21.32 10.87
C ALA A 55 -11.92 20.60 9.83
N ILE A 56 -11.91 19.24 9.84
CA ILE A 56 -12.69 18.44 8.90
C ILE A 56 -14.19 18.51 9.23
N ASN A 57 -14.55 18.36 10.52
CA ASN A 57 -15.95 18.38 10.97
C ASN A 57 -16.60 19.72 10.70
N ASP A 58 -15.80 20.81 10.77
CA ASP A 58 -16.27 22.18 10.48
C ASP A 58 -16.68 22.26 9.00
N ARG A 59 -15.75 21.89 8.10
CA ARG A 59 -15.95 21.87 6.65
C ARG A 59 -14.94 20.88 6.07
N ALA A 60 -15.45 19.78 5.47
CA ALA A 60 -14.57 18.77 4.90
C ALA A 60 -13.74 19.35 3.77
N PRO A 61 -12.39 19.18 3.85
CA PRO A 61 -11.54 19.63 2.74
C PRO A 61 -11.64 18.66 1.57
N ARG A 62 -11.02 18.98 0.43
CA ARG A 62 -11.04 18.09 -0.72
C ARG A 62 -9.93 17.02 -0.62
N LEU A 63 -8.88 17.29 0.16
CA LEU A 63 -7.74 16.40 0.33
C LEU A 63 -7.06 16.68 1.66
N VAL A 64 -6.52 15.63 2.30
CA VAL A 64 -5.81 15.72 3.57
C VAL A 64 -4.43 15.12 3.39
N PHE A 65 -3.40 15.83 3.84
CA PHE A 65 -2.02 15.35 3.96
C PHE A 65 -1.80 15.09 5.42
N LEU A 66 -1.38 13.86 5.73
CA LEU A 66 -1.23 13.43 7.10
C LEU A 66 0.18 12.95 7.44
N ASP A 67 0.77 13.52 8.49
CA ASP A 67 2.03 13.05 9.07
C ASP A 67 1.69 11.84 9.91
N ILE A 68 2.67 11.00 10.28
CA ILE A 68 2.36 9.82 11.11
C ILE A 68 2.72 10.11 12.55
N TRP A 69 3.99 10.47 12.82
CA TRP A 69 4.42 10.75 14.19
C TRP A 69 3.95 12.13 14.57
N LEU A 70 2.83 12.21 15.31
CA LEU A 70 2.25 13.48 15.72
C LEU A 70 2.49 13.67 17.21
N GLN A 71 3.60 14.37 17.54
CA GLN A 71 4.00 14.60 18.93
C GLN A 71 2.89 15.31 19.70
N GLY A 72 2.50 14.70 20.82
CA GLY A 72 1.47 15.22 21.72
C GLY A 72 0.05 14.99 21.26
N SER A 73 -0.15 14.32 20.12
CA SER A 73 -1.47 14.07 19.58
C SER A 73 -2.12 12.87 20.24
N ARG A 74 -3.46 12.90 20.35
CA ARG A 74 -4.31 11.84 20.89
C ARG A 74 -4.22 10.57 20.01
N LEU A 75 -4.09 10.76 18.72
CA LEU A 75 -3.95 9.70 17.74
C LEU A 75 -2.74 9.95 16.88
N ASP A 76 -1.99 8.88 16.56
CA ASP A 76 -0.91 8.99 15.57
C ASP A 76 -1.60 9.17 14.21
N GLY A 77 -0.83 9.48 13.17
CA GLY A 77 -1.38 9.69 11.84
C GLY A 77 -2.12 8.50 11.23
N LEU A 78 -1.75 7.26 11.60
CA LEU A 78 -2.42 6.09 11.03
C LEU A 78 -3.80 5.87 11.70
N ALA A 79 -3.88 6.07 13.02
CA ALA A 79 -5.17 6.00 13.74
C ALA A 79 -6.06 7.19 13.27
N LEU A 80 -5.44 8.33 12.99
CA LEU A 80 -6.17 9.49 12.49
C LEU A 80 -6.71 9.20 11.08
N LEU A 81 -5.91 8.53 10.23
CA LEU A 81 -6.33 8.08 8.88
C LEU A 81 -7.57 7.19 9.02
N ASP A 82 -7.53 6.22 9.93
CA ASP A 82 -8.69 5.35 10.17
C ASP A 82 -9.93 6.16 10.51
N GLU A 83 -9.80 7.11 11.45
CA GLU A 83 -10.95 7.92 11.89
C GLU A 83 -11.48 8.78 10.72
N ILE A 84 -10.58 9.40 9.98
CA ILE A 84 -11.02 10.22 8.83
C ILE A 84 -11.77 9.37 7.81
N LYS A 85 -11.19 8.21 7.45
CA LYS A 85 -11.78 7.31 6.43
C LYS A 85 -13.08 6.71 6.90
N LYS A 86 -13.27 6.55 8.22
CA LYS A 86 -14.52 6.03 8.75
C LYS A 86 -15.65 7.04 8.52
N GLN A 87 -15.40 8.33 8.86
CA GLN A 87 -16.40 9.39 8.72
C GLN A 87 -16.58 9.80 7.26
N HIS A 88 -15.46 9.92 6.53
CA HIS A 88 -15.45 10.41 5.16
C HIS A 88 -14.66 9.46 4.25
N PRO A 89 -15.23 8.27 3.89
CA PRO A 89 -14.49 7.33 3.01
C PRO A 89 -14.09 7.92 1.68
N GLU A 90 -14.85 8.94 1.21
CA GLU A 90 -14.66 9.61 -0.07
C GLU A 90 -13.57 10.69 -0.02
N LEU A 91 -13.05 11.03 1.16
CA LEU A 91 -12.06 12.09 1.25
C LEU A 91 -10.66 11.51 1.05
N PRO A 92 -9.94 11.89 -0.03
CA PRO A 92 -8.60 11.33 -0.24
C PRO A 92 -7.65 11.79 0.84
N VAL A 93 -6.81 10.84 1.34
CA VAL A 93 -5.82 11.12 2.35
C VAL A 93 -4.47 10.61 1.86
N VAL A 94 -3.45 11.47 1.93
CA VAL A 94 -2.10 11.07 1.51
C VAL A 94 -1.18 11.21 2.70
N MET A 95 -0.39 10.16 2.98
CA MET A 95 0.54 10.24 4.10
C MET A 95 1.80 10.99 3.68
N ILE A 96 2.37 11.80 4.59
CA ILE A 96 3.66 12.48 4.30
C ILE A 96 4.48 12.22 5.52
N SER A 97 5.51 11.36 5.43
CA SER A 97 6.21 11.02 6.68
C SER A 97 7.66 10.64 6.48
N GLY A 98 8.46 10.90 7.52
CA GLY A 98 9.84 10.46 7.55
C GLY A 98 9.97 9.18 8.35
N HIS A 99 8.83 8.65 8.85
CA HIS A 99 8.81 7.45 9.71
C HIS A 99 8.24 6.22 8.98
N GLY A 100 8.29 6.24 7.66
CA GLY A 100 7.78 5.10 6.91
C GLY A 100 8.78 3.99 6.74
N ASN A 101 8.24 2.81 6.40
CA ASN A 101 8.96 1.62 5.99
C ASN A 101 7.93 0.87 5.19
N ILE A 102 8.30 -0.24 4.58
CA ILE A 102 7.37 -0.99 3.74
C ILE A 102 6.11 -1.38 4.53
N GLU A 103 6.26 -1.94 5.74
CA GLU A 103 5.10 -2.40 6.52
C GLU A 103 4.16 -1.23 6.82
N THR A 104 4.72 -0.04 7.16
CA THR A 104 3.93 1.14 7.52
C THR A 104 3.19 1.68 6.28
N ALA A 105 3.89 1.75 5.13
CA ALA A 105 3.28 2.24 3.89
C ALA A 105 2.16 1.30 3.43
N VAL A 106 2.38 -0.04 3.47
CA VAL A 106 1.36 -1.02 3.10
C VAL A 106 0.15 -0.83 3.99
N SER A 107 0.38 -0.70 5.30
CA SER A 107 -0.69 -0.49 6.27
C SER A 107 -1.48 0.75 5.92
N ALA A 108 -0.81 1.88 5.59
CA ALA A 108 -1.50 3.13 5.26
C ALA A 108 -2.38 2.94 4.03
N ILE A 109 -1.86 2.30 2.97
CA ILE A 109 -2.70 2.13 1.75
C ILE A 109 -3.86 1.19 2.04
N ARG A 110 -3.61 0.10 2.78
CA ARG A 110 -4.70 -0.84 3.09
C ARG A 110 -5.81 -0.19 3.92
N ARG A 111 -5.42 0.79 4.76
CA ARG A 111 -6.33 1.52 5.64
C ARG A 111 -7.00 2.71 4.94
N GLY A 112 -6.74 2.88 3.64
CA GLY A 112 -7.42 3.88 2.83
C GLY A 112 -6.63 5.05 2.31
N ALA A 113 -5.33 5.18 2.65
CA ALA A 113 -4.54 6.28 2.09
C ALA A 113 -4.39 6.11 0.60
N TYR A 114 -4.42 7.23 -0.11
CA TYR A 114 -4.30 7.28 -1.55
C TYR A 114 -2.87 7.00 -1.99
N ASP A 115 -1.94 7.58 -1.25
CA ASP A 115 -0.52 7.48 -1.54
C ASP A 115 0.29 7.79 -0.27
N PHE A 116 1.59 7.55 -0.37
CA PHE A 116 2.54 7.76 0.70
C PHE A 116 3.71 8.57 0.17
N ILE A 117 3.92 9.76 0.71
CA ILE A 117 5.05 10.59 0.31
C ILE A 117 6.13 10.50 1.38
N GLU A 118 7.34 10.07 1.01
CA GLU A 118 8.44 10.01 1.98
C GLU A 118 9.07 11.38 2.17
N LYS A 119 9.40 11.70 3.42
CA LYS A 119 10.21 12.86 3.73
C LYS A 119 11.66 12.39 3.64
N PRO A 120 12.58 13.16 3.04
CA PRO A 120 12.38 14.47 2.41
C PRO A 120 11.76 14.31 1.01
N PHE A 121 10.87 15.22 0.64
CA PHE A 121 10.19 15.15 -0.66
C PHE A 121 10.62 16.32 -1.56
N LYS A 122 10.39 16.19 -2.86
CA LYS A 122 10.62 17.27 -3.82
C LYS A 122 9.27 17.97 -4.03
N ALA A 123 9.28 19.30 -4.29
CA ALA A 123 8.05 20.07 -4.49
C ALA A 123 7.17 19.48 -5.60
N ASP A 124 7.76 19.10 -6.73
CA ASP A 124 7.00 18.58 -7.87
C ASP A 124 6.33 17.24 -7.54
N ARG A 125 6.96 16.39 -6.69
CA ARG A 125 6.35 15.13 -6.24
C ARG A 125 5.12 15.42 -5.39
N LEU A 126 5.22 16.38 -4.46
CA LEU A 126 4.10 16.79 -3.62
C LEU A 126 2.93 17.32 -4.47
N ILE A 127 3.21 18.21 -5.43
CA ILE A 127 2.19 18.80 -6.30
C ILE A 127 1.53 17.71 -7.16
N LEU A 128 2.33 16.84 -7.78
CA LEU A 128 1.90 15.73 -8.66
C LEU A 128 0.86 14.85 -7.90
N VAL A 129 1.26 14.39 -6.69
CA VAL A 129 0.44 13.52 -5.84
C VAL A 129 -0.84 14.27 -5.41
N ALA A 130 -0.72 15.53 -4.98
CA ALA A 130 -1.88 16.34 -4.62
C ALA A 130 -2.87 16.46 -5.78
N GLU A 131 -2.37 16.77 -7.01
CA GLU A 131 -3.26 16.93 -8.17
C GLU A 131 -3.88 15.59 -8.60
N ARG A 132 -3.16 14.47 -8.42
CA ARG A 132 -3.73 13.14 -8.73
C ARG A 132 -4.86 12.81 -7.78
N ALA A 133 -4.68 13.15 -6.50
CA ALA A 133 -5.67 12.87 -5.47
C ALA A 133 -6.85 13.84 -5.58
N LEU A 134 -6.60 15.08 -6.01
CA LEU A 134 -7.67 16.06 -6.19
C LEU A 134 -8.55 15.74 -7.38
N GLU A 135 -8.03 14.94 -8.34
CA GLU A 135 -8.82 14.48 -9.50
C GLU A 135 -9.85 13.46 -9.02
N THR A 136 -9.54 12.78 -7.89
CA THR A 136 -10.37 11.75 -7.22
C THR A 136 -11.16 12.38 -6.04
N SER A 137 -11.30 13.72 -6.00
CA SER A 137 -12.00 14.40 -4.92
C SER A 137 -13.19 15.24 -5.40
N LYS A 138 -13.96 15.83 -4.45
CA LYS A 138 -15.15 16.65 -4.75
C LYS A 138 -14.78 17.92 -5.49
N ASP B 18 -6.17 -23.34 -2.11
CA ASP B 18 -5.03 -23.63 -2.95
C ASP B 18 -4.15 -22.40 -3.02
N ILE B 19 -2.84 -22.61 -3.05
CA ILE B 19 -1.88 -21.50 -3.13
C ILE B 19 -0.94 -21.74 -4.29
N LEU B 20 -0.68 -20.69 -5.06
CA LEU B 20 0.29 -20.72 -6.14
C LEU B 20 1.43 -19.79 -5.76
N VAL B 21 2.64 -20.30 -5.77
CA VAL B 21 3.81 -19.50 -5.43
C VAL B 21 4.58 -19.29 -6.70
N VAL B 22 4.90 -18.01 -7.02
CA VAL B 22 5.62 -17.65 -8.24
C VAL B 22 6.94 -16.99 -7.86
N ASP B 23 8.06 -17.63 -8.18
CA ASP B 23 9.38 -17.08 -7.88
C ASP B 23 10.35 -17.70 -8.84
N ASP B 24 11.31 -16.92 -9.35
CA ASP B 24 12.28 -17.45 -10.32
C ASP B 24 13.36 -18.30 -9.63
N GLU B 25 13.41 -18.29 -8.28
CA GLU B 25 14.42 -19.08 -7.55
C GLU B 25 13.79 -20.33 -6.94
N VAL B 26 14.31 -21.53 -7.32
CA VAL B 26 13.82 -22.82 -6.80
C VAL B 26 13.85 -22.87 -5.28
N ASP B 27 14.93 -22.36 -4.64
CA ASP B 27 15.07 -22.41 -3.17
C ASP B 27 13.95 -21.63 -2.49
N ILE B 28 13.48 -20.53 -3.09
CA ILE B 28 12.38 -19.74 -2.54
C ILE B 28 11.05 -20.43 -2.79
N ARG B 29 10.81 -20.96 -4.01
CA ARG B 29 9.56 -21.68 -4.31
C ARG B 29 9.37 -22.83 -3.32
N ASP B 30 10.46 -23.63 -3.12
CA ASP B 30 10.50 -24.77 -2.19
C ASP B 30 10.31 -24.35 -0.74
N LEU B 31 11.00 -23.27 -0.30
CA LEU B 31 10.90 -22.77 1.07
C LEU B 31 9.47 -22.29 1.34
N VAL B 32 8.88 -21.50 0.42
CA VAL B 32 7.51 -21.00 0.60
C VAL B 32 6.47 -22.15 0.52
N ALA B 33 6.51 -23.01 -0.52
CA ALA B 33 5.57 -24.14 -0.69
C ALA B 33 5.65 -25.10 0.48
N GLY B 34 6.87 -25.35 0.96
CA GLY B 34 7.15 -26.24 2.09
C GLY B 34 6.52 -25.77 3.40
N ILE B 35 6.73 -24.49 3.76
CA ILE B 35 6.19 -23.89 4.98
C ILE B 35 4.65 -23.95 4.95
N LEU B 36 4.06 -23.58 3.81
CA LEU B 36 2.61 -23.55 3.65
C LEU B 36 2.00 -24.95 3.62
N SER B 37 2.67 -25.93 2.94
CA SER B 37 2.20 -27.33 2.89
C SER B 37 2.16 -27.96 4.28
N ASP B 38 3.15 -27.63 5.14
CA ASP B 38 3.25 -28.15 6.50
C ASP B 38 2.10 -27.66 7.38
N GLU B 39 1.48 -26.53 7.01
CA GLU B 39 0.34 -25.95 7.72
C GLU B 39 -1.00 -26.47 7.16
N GLY B 40 -0.92 -27.32 6.14
CA GLY B 40 -2.10 -27.93 5.55
C GLY B 40 -2.70 -27.25 4.34
N HIS B 41 -1.90 -26.42 3.64
CA HIS B 41 -2.35 -25.75 2.43
C HIS B 41 -1.77 -26.45 1.20
N GLU B 42 -2.59 -26.76 0.19
CA GLU B 42 -2.14 -27.38 -1.05
C GLU B 42 -1.46 -26.30 -1.89
N THR B 43 -0.15 -26.44 -2.11
CA THR B 43 0.64 -25.44 -2.81
C THR B 43 1.25 -25.96 -4.11
N ARG B 44 1.17 -25.13 -5.16
CA ARG B 44 1.71 -25.33 -6.50
C ARG B 44 2.73 -24.23 -6.75
N THR B 45 3.68 -24.46 -7.66
CA THR B 45 4.66 -23.42 -7.95
C THR B 45 4.71 -23.08 -9.43
N ALA B 46 5.22 -21.87 -9.74
CA ALA B 46 5.49 -21.37 -11.08
C ALA B 46 6.79 -20.56 -11.01
N PHE B 47 7.50 -20.45 -12.12
CA PHE B 47 8.81 -19.80 -12.14
C PHE B 47 8.85 -18.49 -12.95
N ASP B 48 7.75 -18.15 -13.67
CA ASP B 48 7.72 -16.92 -14.47
C ASP B 48 6.28 -16.53 -14.78
N ALA B 49 6.08 -15.42 -15.52
CA ALA B 49 4.73 -14.93 -15.82
C ALA B 49 3.93 -15.92 -16.66
N ASP B 50 4.51 -16.54 -17.68
CA ASP B 50 3.72 -17.44 -18.52
C ASP B 50 3.39 -18.75 -17.82
N SER B 51 4.29 -19.30 -16.97
CA SER B 51 3.99 -20.51 -16.20
C SER B 51 2.93 -20.21 -15.12
N ALA B 52 2.96 -18.98 -14.54
CA ALA B 52 1.98 -18.54 -13.55
C ALA B 52 0.60 -18.39 -14.18
N LEU B 53 0.52 -17.66 -15.31
CA LEU B 53 -0.74 -17.44 -16.02
C LEU B 53 -1.33 -18.74 -16.53
N ALA B 54 -0.49 -19.68 -17.00
CA ALA B 54 -0.95 -20.99 -17.43
C ALA B 54 -1.58 -21.76 -16.24
N ALA B 55 -0.95 -21.69 -15.05
CA ALA B 55 -1.38 -22.37 -13.82
C ALA B 55 -2.69 -21.80 -13.31
N ILE B 56 -2.88 -20.47 -13.45
CA ILE B 56 -4.12 -19.80 -13.04
C ILE B 56 -5.24 -20.14 -14.06
N ASN B 57 -4.94 -20.04 -15.38
CA ASN B 57 -5.91 -20.31 -16.47
C ASN B 57 -6.40 -21.76 -16.49
N ASP B 58 -5.57 -22.70 -15.99
CA ASP B 58 -5.90 -24.13 -15.88
C ASP B 58 -6.99 -24.28 -14.81
N ARG B 59 -6.72 -23.81 -13.58
CA ARG B 59 -7.68 -23.78 -12.46
C ARG B 59 -7.20 -22.71 -11.50
N ALA B 60 -8.02 -21.66 -11.34
CA ALA B 60 -7.64 -20.53 -10.51
C ALA B 60 -7.37 -20.99 -9.08
N PRO B 61 -6.15 -20.70 -8.52
CA PRO B 61 -5.90 -21.05 -7.11
C PRO B 61 -6.70 -20.10 -6.19
N ARG B 62 -6.66 -20.30 -4.87
CA ARG B 62 -7.38 -19.41 -3.94
C ARG B 62 -6.50 -18.18 -3.58
N LEU B 63 -5.18 -18.30 -3.74
CA LEU B 63 -4.23 -17.23 -3.40
C LEU B 63 -2.96 -17.40 -4.23
N VAL B 64 -2.36 -16.27 -4.60
CA VAL B 64 -1.12 -16.24 -5.37
C VAL B 64 -0.09 -15.43 -4.58
N PHE B 65 1.12 -15.98 -4.44
CA PHE B 65 2.29 -15.30 -3.92
C PHE B 65 3.15 -14.98 -5.10
N LEU B 66 3.51 -13.70 -5.25
CA LEU B 66 4.26 -13.24 -6.40
C LEU B 66 5.56 -12.57 -6.04
N ASP B 67 6.65 -13.02 -6.65
CA ASP B 67 7.97 -12.37 -6.58
C ASP B 67 7.91 -11.19 -7.55
N ILE B 68 8.81 -10.21 -7.43
CA ILE B 68 8.79 -9.09 -8.38
C ILE B 68 9.84 -9.28 -9.45
N TRP B 69 11.12 -9.46 -9.06
CA TRP B 69 12.19 -9.65 -10.02
C TRP B 69 12.14 -11.08 -10.51
N LEU B 70 11.54 -11.31 -11.70
CA LEU B 70 11.42 -12.63 -12.26
C LEU B 70 12.37 -12.77 -13.43
N GLN B 71 13.59 -13.27 -13.16
CA GLN B 71 14.63 -13.44 -14.17
C GLN B 71 14.13 -14.29 -15.33
N GLY B 72 14.26 -13.74 -16.54
CA GLY B 72 13.87 -14.39 -17.78
C GLY B 72 12.38 -14.40 -18.07
N SER B 73 11.57 -13.75 -17.21
CA SER B 73 10.13 -13.70 -17.38
C SER B 73 9.72 -12.62 -18.35
N ARG B 74 8.62 -12.87 -19.08
CA ARG B 74 8.02 -11.94 -20.04
C ARG B 74 7.51 -10.69 -19.31
N LEU B 75 6.97 -10.88 -18.09
CA LEU B 75 6.48 -9.80 -17.24
C LEU B 75 7.15 -9.88 -15.89
N ASP B 76 7.52 -8.72 -15.31
CA ASP B 76 7.98 -8.68 -13.93
C ASP B 76 6.77 -8.96 -13.05
N GLY B 77 6.99 -9.18 -11.75
CA GLY B 77 5.89 -9.47 -10.84
C GLY B 77 4.81 -8.42 -10.72
N LEU B 78 5.15 -7.12 -10.94
CA LEU B 78 4.13 -6.07 -10.82
C LEU B 78 3.23 -6.03 -12.06
N ALA B 79 3.80 -6.22 -13.28
CA ALA B 79 3.02 -6.34 -14.51
C ALA B 79 2.18 -7.63 -14.45
N LEU B 80 2.75 -8.69 -13.86
CA LEU B 80 2.01 -9.96 -13.68
C LEU B 80 0.84 -9.76 -12.72
N LEU B 81 1.04 -8.99 -11.62
CA LEU B 81 -0.03 -8.63 -10.67
C LEU B 81 -1.16 -7.93 -11.43
N ASP B 82 -0.82 -6.95 -12.26
CA ASP B 82 -1.83 -6.24 -13.06
C ASP B 82 -2.62 -7.20 -13.93
N GLU B 83 -1.93 -8.13 -14.62
CA GLU B 83 -2.61 -9.08 -15.52
C GLU B 83 -3.53 -10.01 -14.71
N ILE B 84 -3.02 -10.50 -13.58
CA ILE B 84 -3.85 -11.40 -12.74
C ILE B 84 -5.10 -10.67 -12.25
N LYS B 85 -4.93 -9.45 -11.73
CA LYS B 85 -6.04 -8.67 -11.16
C LYS B 85 -7.02 -8.24 -12.24
N LYS B 86 -6.58 -8.08 -13.49
CA LYS B 86 -7.46 -7.73 -14.58
C LYS B 86 -8.41 -8.92 -14.87
N GLN B 87 -7.87 -10.14 -14.98
CA GLN B 87 -8.68 -11.34 -15.28
C GLN B 87 -9.46 -11.80 -14.06
N HIS B 88 -8.85 -11.77 -12.88
CA HIS B 88 -9.44 -12.28 -11.66
C HIS B 88 -9.31 -11.24 -10.52
N PRO B 89 -10.13 -10.15 -10.54
CA PRO B 89 -10.05 -9.14 -9.47
C PRO B 89 -10.25 -9.70 -8.08
N GLU B 90 -11.01 -10.81 -7.98
CA GLU B 90 -11.37 -11.49 -6.72
C GLU B 90 -10.25 -12.40 -6.20
N LEU B 91 -9.17 -12.63 -6.97
CA LEU B 91 -8.15 -13.56 -6.52
C LEU B 91 -7.11 -12.80 -5.71
N PRO B 92 -6.94 -13.09 -4.40
CA PRO B 92 -5.95 -12.34 -3.60
C PRO B 92 -4.55 -12.65 -4.07
N VAL B 93 -3.72 -11.61 -4.16
CA VAL B 93 -2.33 -11.71 -4.58
C VAL B 93 -1.47 -11.01 -3.53
N VAL B 94 -0.45 -11.71 -3.04
CA VAL B 94 0.47 -11.13 -2.05
C VAL B 94 1.86 -11.11 -2.65
N MET B 95 2.55 -9.97 -2.59
CA MET B 95 3.91 -9.89 -3.10
C MET B 95 4.88 -10.45 -2.09
N ILE B 96 5.93 -11.16 -2.56
CA ILE B 96 6.99 -11.65 -1.65
C ILE B 96 8.27 -11.24 -2.34
N SER B 97 9.01 -10.24 -1.82
CA SER B 97 10.16 -9.80 -2.59
C SER B 97 11.27 -9.21 -1.74
N GLY B 98 12.50 -9.34 -2.24
CA GLY B 98 13.65 -8.72 -1.63
C GLY B 98 13.99 -7.40 -2.33
N HIS B 99 13.17 -7.03 -3.34
CA HIS B 99 13.39 -5.83 -4.17
C HIS B 99 12.38 -4.72 -3.88
N GLY B 100 11.79 -4.75 -2.70
CA GLY B 100 10.84 -3.71 -2.35
C GLY B 100 11.48 -2.47 -1.79
N ASN B 101 10.67 -1.40 -1.77
CA ASN B 101 10.94 -0.12 -1.12
C ASN B 101 9.57 0.44 -0.93
N ILE B 102 9.45 1.59 -0.26
CA ILE B 102 8.12 2.16 0.01
C ILE B 102 7.36 2.39 -1.29
N GLU B 103 8.00 3.03 -2.30
CA GLU B 103 7.28 3.33 -3.56
C GLU B 103 6.79 2.06 -4.24
N THR B 104 7.60 0.98 -4.24
CA THR B 104 7.25 -0.28 -4.89
C THR B 104 6.10 -0.97 -4.14
N ALA B 105 6.17 -0.97 -2.79
CA ALA B 105 5.10 -1.59 -1.99
C ALA B 105 3.77 -0.82 -2.16
N VAL B 106 3.81 0.53 -2.15
CA VAL B 106 2.60 1.35 -2.36
C VAL B 106 2.01 1.03 -3.71
N SER B 107 2.87 0.97 -4.75
CA SER B 107 2.42 0.63 -6.09
C SER B 107 1.74 -0.72 -6.11
N ALA B 108 2.34 -1.75 -5.45
CA ALA B 108 1.73 -3.09 -5.43
C ALA B 108 0.36 -3.06 -4.79
N ILE B 109 0.21 -2.39 -3.64
CA ILE B 109 -1.12 -2.37 -2.98
C ILE B 109 -2.13 -1.59 -3.85
N ARG B 110 -1.71 -0.45 -4.42
CA ARG B 110 -2.64 0.33 -5.25
C ARG B 110 -3.09 -0.45 -6.48
N ARG B 111 -2.22 -1.34 -6.98
CA ARG B 111 -2.48 -2.16 -8.17
C ARG B 111 -3.23 -3.46 -7.82
N GLY B 112 -3.61 -3.61 -6.55
CA GLY B 112 -4.45 -4.74 -6.13
C GLY B 112 -3.86 -5.80 -5.22
N ALA B 113 -2.55 -5.73 -4.90
CA ALA B 113 -2.00 -6.73 -3.98
C ALA B 113 -2.61 -6.57 -2.60
N TYR B 114 -2.85 -7.72 -1.95
CA TYR B 114 -3.43 -7.76 -0.63
C TYR B 114 -2.44 -7.29 0.42
N ASP B 115 -1.17 -7.71 0.23
CA ASP B 115 -0.10 -7.41 1.16
C ASP B 115 1.25 -7.58 0.46
N PHE B 116 2.29 -7.16 1.16
CA PHE B 116 3.66 -7.21 0.70
C PHE B 116 4.51 -7.85 1.78
N ILE B 117 5.12 -8.99 1.46
CA ILE B 117 6.03 -9.66 2.41
C ILE B 117 7.47 -9.40 1.99
N GLU B 118 8.28 -8.82 2.86
CA GLU B 118 9.69 -8.59 2.55
C GLU B 118 10.53 -9.83 2.76
N LYS B 119 11.45 -10.08 1.85
CA LYS B 119 12.45 -11.10 2.02
C LYS B 119 13.62 -10.45 2.76
N PRO B 120 14.23 -11.09 3.77
CA PRO B 120 13.92 -12.43 4.30
C PRO B 120 12.70 -12.36 5.22
N PHE B 121 11.88 -13.39 5.17
CA PHE B 121 10.65 -13.44 5.99
C PHE B 121 10.75 -14.54 7.05
N LYS B 122 9.91 -14.44 8.08
CA LYS B 122 9.80 -15.48 9.09
C LYS B 122 8.63 -16.38 8.69
N ALA B 123 8.69 -17.69 9.01
CA ALA B 123 7.62 -18.63 8.64
C ALA B 123 6.25 -18.20 9.17
N ASP B 124 6.17 -17.73 10.43
CA ASP B 124 4.90 -17.34 11.04
C ASP B 124 4.30 -16.11 10.32
N ARG B 125 5.12 -15.18 9.83
CA ARG B 125 4.65 -14.02 9.06
C ARG B 125 4.02 -14.49 7.75
N LEU B 126 4.69 -15.42 7.05
CA LEU B 126 4.18 -15.99 5.79
C LEU B 126 2.84 -16.69 6.00
N ILE B 127 2.73 -17.52 7.04
CA ILE B 127 1.50 -18.24 7.36
C ILE B 127 0.43 -17.24 7.77
N LEU B 128 0.74 -16.26 8.66
CA LEU B 128 -0.26 -15.28 9.12
C LEU B 128 -0.88 -14.55 7.91
N VAL B 129 -0.04 -14.08 6.98
CA VAL B 129 -0.48 -13.37 5.78
C VAL B 129 -1.29 -14.28 4.85
N ALA B 130 -0.80 -15.50 4.59
CA ALA B 130 -1.54 -16.44 3.75
C ALA B 130 -2.93 -16.70 4.29
N GLU B 131 -3.05 -16.99 5.61
CA GLU B 131 -4.35 -17.27 6.21
C GLU B 131 -5.28 -16.05 6.23
N ARG B 132 -4.73 -14.84 6.37
CA ARG B 132 -5.54 -13.62 6.31
C ARG B 132 -6.09 -13.42 4.91
N ALA B 133 -5.24 -13.68 3.90
CA ALA B 133 -5.63 -13.54 2.50
C ALA B 133 -6.61 -14.64 2.09
N LEU B 134 -6.46 -15.88 2.64
CA LEU B 134 -7.34 -17.00 2.32
C LEU B 134 -8.72 -16.82 2.92
N GLU B 135 -8.84 -15.97 3.97
CA GLU B 135 -10.14 -15.67 4.59
C GLU B 135 -10.94 -14.79 3.61
N THR B 136 -10.22 -14.05 2.74
CA THR B 136 -10.75 -13.14 1.70
C THR B 136 -10.79 -13.85 0.33
N SER B 137 -10.71 -15.19 0.31
CA SER B 137 -10.72 -15.94 -0.94
C SER B 137 -11.87 -16.94 -1.06
N LYS B 138 -11.99 -17.61 -2.25
CA LYS B 138 -13.07 -18.59 -2.50
C LYS B 138 -12.94 -19.80 -1.59
#